data_6Q79
#
_entry.id   6Q79
#
_cell.length_a   56.422
_cell.length_b   64.124
_cell.length_c   68.960
_cell.angle_alpha   90.000
_cell.angle_beta   104.060
_cell.angle_gamma   90.000
#
_symmetry.space_group_name_H-M   'P 1 21 1'
#
loop_
_entity.id
_entity.type
_entity.pdbx_description
1 polymer 'Fucose-binding lectin'
2 polymer SB4
3 polymer 'SB4 incomplete'
4 non-polymer 'CALCIUM ION'
5 non-polymer '3,7-anhydro-2,8-dideoxy-L-glycero-D-gluco-octonic acid'
6 non-polymer 'AMINO GROUP'
7 water water
#
loop_
_entity_poly.entity_id
_entity_poly.type
_entity_poly.pdbx_seq_one_letter_code
_entity_poly.pdbx_strand_id
1 'polypeptide(L)'
;ATQGVFTLPANTRFGVTAFANSSGTQTVNVLVNNETAATFSGQSTNNAVIGTQVLNSGSSGKVQVQVSVNGRPSDLVSAQ
VILTNELNFALVGSEDGTDNDYNDAVVVINWPLG
;
A,B,C,D
2 'polypeptide(D)' (DLY)(DTY)(DLY)(DLY)(DAL)(DLE)(DLY)(DLY)(DLE)(DAL)(DLY)(DLE)(DLE) E,H
3 'polypeptide(D)' (DLY)(DTY)(DLY)(DLY)(DAL)(DLE) F,G
#
loop_
_chem_comp.id
_chem_comp.type
_chem_comp.name
_chem_comp.formula
CA non-polymer 'CALCIUM ION' 'Ca 2'
NH2 non-polymer 'AMINO GROUP' 'H2 N'
ZDC D-saccharide '3,7-anhydro-2,8-dideoxy-L-glycero-D-gluco-octonic acid' 'C8 H14 O6'
#
# COMPACT_ATOMS: atom_id res chain seq x y z
N ALA A 1 15.49 -0.13 -9.11
CA ALA A 1 15.20 1.09 -8.37
C ALA A 1 15.71 1.03 -6.94
N THR A 2 15.98 2.20 -6.38
CA THR A 2 16.34 2.30 -4.97
C THR A 2 15.17 1.86 -4.09
N GLN A 3 15.49 1.11 -3.04
CA GLN A 3 14.50 0.62 -2.10
C GLN A 3 14.98 0.95 -0.69
N GLY A 4 14.02 1.05 0.23
CA GLY A 4 14.36 1.31 1.62
C GLY A 4 14.73 2.73 1.97
N VAL A 5 14.46 3.70 1.08
CA VAL A 5 14.69 5.11 1.38
C VAL A 5 13.34 5.82 1.45
N PHE A 6 13.09 6.52 2.55
CA PHE A 6 11.81 7.17 2.80
C PHE A 6 12.01 8.61 3.26
N THR A 7 11.24 9.53 2.69
CA THR A 7 11.21 10.92 3.13
C THR A 7 10.09 11.07 4.16
N LEU A 8 10.47 11.30 5.39
CA LEU A 8 9.51 11.54 6.45
C LEU A 8 9.33 13.04 6.65
N PRO A 9 8.26 13.47 7.31
CA PRO A 9 8.20 14.87 7.75
C PRO A 9 9.40 15.17 8.64
N ALA A 10 9.82 16.42 8.64
CA ALA A 10 11.00 16.79 9.42
C ALA A 10 10.71 16.73 10.91
N ASN A 11 11.77 16.48 11.69
CA ASN A 11 11.74 16.63 13.15
C ASN A 11 10.57 15.87 13.78
N THR A 12 10.33 14.66 13.30
CA THR A 12 9.17 13.88 13.69
C THR A 12 9.59 12.55 14.27
N ARG A 13 9.09 12.23 15.45
CA ARG A 13 9.36 10.93 16.07
C ARG A 13 8.71 9.83 15.25
N PHE A 14 9.48 8.78 14.97
CA PHE A 14 8.94 7.62 14.28
C PHE A 14 9.42 6.36 14.99
N GLY A 15 8.62 5.30 14.87
CA GLY A 15 9.01 3.99 15.39
C GLY A 15 9.57 3.16 14.26
N VAL A 16 10.60 2.37 14.58
CA VAL A 16 11.18 1.43 13.63
C VAL A 16 11.33 0.09 14.36
N THR A 17 10.78 -0.96 13.76
CA THR A 17 10.74 -2.30 14.35
C THR A 17 11.16 -3.31 13.29
N ALA A 18 11.92 -4.32 13.70
CA ALA A 18 12.48 -5.29 12.77
C ALA A 18 12.21 -6.71 13.26
N PHE A 19 11.83 -7.58 12.32
CA PHE A 19 11.55 -8.98 12.58
C PHE A 19 12.47 -9.85 11.74
N ALA A 20 12.80 -11.04 12.25
CA ALA A 20 13.71 -11.96 11.58
C ALA A 20 12.98 -13.24 11.20
N ASN A 21 13.27 -13.74 9.98
CA ASN A 21 12.74 -15.01 9.47
C ASN A 21 13.81 -15.59 8.54
N SER A 22 14.89 -16.09 9.13
CA SER A 22 16.02 -16.59 8.35
C SER A 22 16.96 -17.37 9.26
N SER A 23 17.72 -18.26 8.64
CA SER A 23 18.74 -19.00 9.37
C SER A 23 19.90 -18.10 9.77
N GLY A 24 20.21 -17.08 8.97
CA GLY A 24 21.35 -16.22 9.25
C GLY A 24 21.00 -15.07 10.17
N THR A 25 22.01 -14.62 10.92
CA THR A 25 21.84 -13.46 11.78
C THR A 25 21.63 -12.22 10.92
N GLN A 26 20.63 -11.42 11.28
CA GLN A 26 20.27 -10.23 10.52
C GLN A 26 20.82 -8.99 11.22
N THR A 27 21.45 -8.11 10.44
CA THR A 27 21.93 -6.82 10.92
C THR A 27 21.15 -5.74 10.18
N VAL A 28 20.34 -4.97 10.90
CA VAL A 28 19.47 -3.94 10.33
C VAL A 28 20.05 -2.58 10.69
N ASN A 29 20.42 -1.78 9.70
CA ASN A 29 20.95 -0.45 9.91
C ASN A 29 19.95 0.60 9.48
N VAL A 30 19.73 1.59 10.35
CA VAL A 30 18.76 2.66 10.10
C VAL A 30 19.52 3.97 10.13
N LEU A 31 19.49 4.69 9.01
CA LEU A 31 20.22 5.94 8.85
C LEU A 31 19.23 7.10 8.80
N VAL A 32 19.48 8.14 9.59
CA VAL A 32 18.78 9.41 9.48
C VAL A 32 19.77 10.41 8.92
N ASN A 33 19.37 11.13 7.87
CA ASN A 33 20.23 12.08 7.18
C ASN A 33 21.61 11.47 6.91
N ASN A 34 21.60 10.24 6.37
CA ASN A 34 22.76 9.48 5.95
C ASN A 34 23.69 9.07 7.08
N GLU A 35 23.33 9.34 8.34
CA GLU A 35 24.10 8.89 9.49
C GLU A 35 23.39 7.72 10.16
N THR A 36 24.15 6.73 10.58
CA THR A 36 23.56 5.58 11.25
C THR A 36 22.98 6.01 12.60
N ALA A 37 21.69 5.75 12.79
CA ALA A 37 21.01 6.14 14.02
C ALA A 37 20.57 4.96 14.88
N ALA A 38 20.52 3.75 14.33
CA ALA A 38 20.16 2.57 15.09
C ALA A 38 20.63 1.34 14.34
N THR A 39 21.05 0.32 15.10
CA THR A 39 21.47 -0.96 14.52
C THR A 39 20.83 -2.09 15.31
N PHE A 40 20.09 -2.94 14.61
CA PHE A 40 19.52 -4.14 15.22
C PHE A 40 20.28 -5.35 14.70
N SER A 41 20.55 -6.28 15.60
CA SER A 41 21.23 -7.52 15.26
C SER A 41 20.52 -8.66 15.96
N GLY A 42 20.08 -9.66 15.19
CA GLY A 42 19.42 -10.81 15.78
C GLY A 42 19.17 -11.89 14.75
N GLN A 43 18.81 -13.07 15.26
CA GLN A 43 18.53 -14.22 14.44
C GLN A 43 17.26 -14.89 14.95
N SER A 44 16.41 -15.32 14.01
CA SER A 44 15.17 -15.99 14.34
C SER A 44 14.53 -16.51 13.06
N THR A 45 13.82 -17.63 13.18
CA THR A 45 12.96 -18.12 12.12
C THR A 45 11.49 -18.10 12.53
N ASN A 46 11.16 -17.39 13.61
CA ASN A 46 9.80 -17.33 14.12
C ASN A 46 9.30 -15.89 14.24
N ASN A 47 9.74 -15.02 13.32
CA ASN A 47 9.27 -13.63 13.30
C ASN A 47 9.54 -12.92 14.63
N ALA A 48 10.59 -13.32 15.35
CA ALA A 48 10.89 -12.65 16.59
C ALA A 48 11.33 -11.20 16.34
N VAL A 49 11.03 -10.33 17.29
CA VAL A 49 11.40 -8.92 17.20
C VAL A 49 12.87 -8.80 17.57
N ILE A 50 13.73 -8.47 16.59
CA ILE A 50 15.16 -8.33 16.90
C ILE A 50 15.51 -6.90 17.28
N GLY A 51 14.55 -5.97 17.19
CA GLY A 51 14.75 -4.62 17.65
C GLY A 51 13.54 -3.74 17.46
N THR A 52 13.37 -2.76 18.33
CA THR A 52 12.36 -1.73 18.17
C THR A 52 12.82 -0.47 18.91
N GLN A 53 12.61 0.68 18.30
CA GLN A 53 13.23 1.91 18.79
C GLN A 53 12.44 3.10 18.29
N VAL A 54 12.52 4.21 19.01
CA VAL A 54 11.93 5.48 18.61
C VAL A 54 13.03 6.43 18.21
N LEU A 55 12.94 6.97 17.00
CA LEU A 55 13.94 7.87 16.46
C LEU A 55 13.27 9.17 15.99
N ASN A 56 14.09 10.18 15.76
CA ASN A 56 13.67 11.47 15.24
C ASN A 56 14.17 11.62 13.82
N SER A 57 13.28 11.99 12.90
CA SER A 57 13.63 12.13 11.49
C SER A 57 14.55 13.32 11.23
N GLY A 58 14.72 14.21 12.21
CA GLY A 58 15.63 15.32 12.04
C GLY A 58 15.19 16.29 10.95
N SER A 59 16.14 17.17 10.60
CA SER A 59 15.84 18.29 9.73
C SER A 59 15.67 17.88 8.28
N SER A 60 16.26 16.76 7.87
CA SER A 60 16.11 16.30 6.50
C SER A 60 14.92 15.40 6.31
N GLY A 61 14.52 14.65 7.34
CA GLY A 61 13.49 13.66 7.17
C GLY A 61 13.87 12.47 6.32
N LYS A 62 15.14 12.34 5.91
CA LYS A 62 15.56 11.17 5.14
C LYS A 62 15.88 10.02 6.08
N VAL A 63 15.15 8.92 5.91
CA VAL A 63 15.40 7.68 6.65
C VAL A 63 15.73 6.58 5.64
N GLN A 64 16.77 5.82 5.91
CA GLN A 64 17.19 4.71 5.06
C GLN A 64 17.38 3.46 5.90
N VAL A 65 16.84 2.35 5.41
CA VAL A 65 16.99 1.06 6.06
C VAL A 65 17.92 0.21 5.18
N GLN A 66 18.91 -0.42 5.82
CA GLN A 66 19.82 -1.35 5.16
C GLN A 66 19.91 -2.63 5.96
N VAL A 67 20.00 -3.77 5.26
CA VAL A 67 20.05 -5.07 5.89
C VAL A 67 21.27 -5.81 5.35
N SER A 68 22.05 -6.40 6.24
CA SER A 68 23.23 -7.17 5.86
C SER A 68 23.20 -8.53 6.54
N VAL A 69 23.53 -9.56 5.78
CA VAL A 69 23.54 -10.94 6.27
C VAL A 69 24.73 -11.65 5.64
N ASN A 70 25.49 -12.38 6.47
CA ASN A 70 26.73 -13.03 6.04
C ASN A 70 27.66 -12.04 5.36
N GLY A 71 27.68 -10.81 5.88
CA GLY A 71 28.51 -9.75 5.32
C GLY A 71 28.11 -9.31 3.93
N ARG A 72 26.86 -9.55 3.55
CA ARG A 72 26.36 -9.26 2.22
C ARG A 72 25.08 -8.44 2.34
N PRO A 73 24.96 -7.35 1.58
CA PRO A 73 23.70 -6.58 1.59
C PRO A 73 22.57 -7.41 1.00
N SER A 74 21.49 -7.55 1.76
CA SER A 74 20.30 -8.24 1.28
C SER A 74 19.61 -7.42 0.19
N ASP A 75 18.92 -8.12 -0.71
CA ASP A 75 18.09 -7.45 -1.70
C ASP A 75 16.82 -6.94 -1.01
N LEU A 76 16.47 -5.67 -1.25
CA LEU A 76 15.39 -5.02 -0.52
C LEU A 76 14.17 -4.78 -1.40
N VAL A 77 12.99 -4.82 -0.78
CA VAL A 77 11.76 -4.30 -1.38
C VAL A 77 11.15 -3.34 -0.37
N SER A 78 10.46 -2.32 -0.87
CA SER A 78 9.93 -1.32 0.05
C SER A 78 8.77 -0.57 -0.60
N ALA A 79 7.97 0.05 0.25
CA ALA A 79 6.92 0.94 -0.20
C ALA A 79 6.43 1.72 1.02
N GLN A 80 5.71 2.80 0.76
CA GLN A 80 5.08 3.57 1.81
C GLN A 80 3.58 3.57 1.58
N VAL A 81 2.81 3.38 2.66
CA VAL A 81 1.36 3.38 2.58
C VAL A 81 0.82 4.35 3.62
N ILE A 82 -0.15 5.18 3.21
CA ILE A 82 -0.76 6.19 4.06
C ILE A 82 -2.26 5.90 4.17
N LEU A 83 -2.76 5.78 5.39
CA LEU A 83 -4.18 5.54 5.65
C LEU A 83 -4.84 6.79 6.19
N THR A 84 -6.08 7.05 5.73
CA THR A 84 -6.86 8.25 6.03
C THR A 84 -5.98 9.50 6.10
N ASN A 85 -5.00 9.58 5.21
CA ASN A 85 -4.17 10.77 5.00
C ASN A 85 -3.39 11.18 6.25
N GLU A 86 -3.29 10.31 7.26
CA GLU A 86 -2.63 10.68 8.51
C GLU A 86 -1.66 9.61 9.01
N LEU A 87 -1.98 8.33 8.78
CA LEU A 87 -1.22 7.22 9.35
C LEU A 87 -0.29 6.64 8.28
N ASN A 88 1.02 6.64 8.57
CA ASN A 88 2.05 6.29 7.59
C ASN A 88 2.77 5.00 7.99
N PHE A 89 2.90 4.10 7.02
CA PHE A 89 3.73 2.91 7.15
C PHE A 89 4.78 2.93 6.06
N ALA A 90 6.06 2.90 6.44
CA ALA A 90 7.14 2.61 5.52
C ALA A 90 7.59 1.19 5.78
N LEU A 91 7.55 0.35 4.74
CA LEU A 91 7.72 -1.09 4.90
C LEU A 91 8.94 -1.55 4.10
N VAL A 92 9.74 -2.42 4.72
CA VAL A 92 10.90 -3.02 4.05
C VAL A 92 10.84 -4.54 4.24
N GLY A 93 11.06 -5.27 3.14
CA GLY A 93 11.43 -6.67 3.21
C GLY A 93 12.83 -6.83 2.65
N SER A 94 13.41 -7.99 2.91
CA SER A 94 14.79 -8.22 2.49
C SER A 94 15.02 -9.71 2.30
N GLU A 95 15.86 -10.02 1.31
CA GLU A 95 16.16 -11.40 0.92
C GLU A 95 17.67 -11.61 1.01
N ASP A 96 18.07 -12.59 1.81
CA ASP A 96 19.48 -12.86 2.02
C ASP A 96 19.99 -14.07 1.27
N GLY A 97 19.09 -14.84 0.64
CA GLY A 97 19.43 -16.09 -0.01
C GLY A 97 18.73 -16.30 -1.33
N THR A 98 18.25 -17.52 -1.59
CA THR A 98 17.76 -17.92 -2.90
C THR A 98 16.24 -18.14 -2.98
N ASP A 99 15.56 -18.24 -1.83
CA ASP A 99 14.15 -18.66 -1.85
C ASP A 99 13.18 -17.51 -2.10
N ASN A 100 13.63 -16.25 -2.02
CA ASN A 100 12.81 -15.09 -2.39
C ASN A 100 11.50 -15.03 -1.61
N ASP A 101 11.54 -15.31 -0.30
CA ASP A 101 10.38 -14.98 0.51
C ASP A 101 10.45 -13.55 1.02
N TYR A 102 11.63 -12.92 0.94
CA TYR A 102 11.83 -11.50 1.25
C TYR A 102 11.35 -11.14 2.65
N ASN A 103 11.35 -12.13 3.56
CA ASN A 103 10.99 -11.92 4.95
C ASN A 103 12.17 -12.09 5.89
N ASP A 104 13.39 -12.26 5.36
CA ASP A 104 14.54 -12.63 6.19
C ASP A 104 14.76 -11.61 7.29
N ALA A 105 14.72 -10.33 6.93
CA ALA A 105 14.50 -9.26 7.87
C ALA A 105 13.33 -8.44 7.32
N VAL A 106 12.35 -8.17 8.18
CA VAL A 106 11.21 -7.35 7.83
C VAL A 106 11.22 -6.15 8.76
N VAL A 107 11.15 -4.96 8.18
CA VAL A 107 11.30 -3.72 8.93
C VAL A 107 10.05 -2.88 8.71
N VAL A 108 9.49 -2.37 9.80
CA VAL A 108 8.28 -1.55 9.77
C VAL A 108 8.60 -0.22 10.44
N ILE A 109 8.44 0.86 9.70
CA ILE A 109 8.51 2.22 10.21
C ILE A 109 7.10 2.80 10.22
N ASN A 110 6.67 3.32 11.37
CA ASN A 110 5.34 3.91 11.49
C ASN A 110 5.40 5.27 12.15
N TRP A 111 4.55 6.19 11.69
CA TRP A 111 4.45 7.52 12.28
C TRP A 111 3.09 8.10 11.90
N PRO A 112 2.61 9.12 12.64
CA PRO A 112 3.20 9.79 13.81
C PRO A 112 3.05 8.98 15.09
N LEU A 113 3.81 9.36 16.11
CA LEU A 113 3.73 8.72 17.43
C LEU A 113 2.96 9.61 18.39
N GLY A 114 2.72 9.08 19.59
CA GLY A 114 2.15 9.86 20.67
C GLY A 114 0.64 9.82 20.70
N DLY B 1 20.71 -19.75 4.44
CA DLY B 1 21.79 -20.57 4.96
C DLY B 1 21.89 -21.94 4.25
O DLY B 1 22.16 -22.94 4.88
CB DLY B 1 23.12 -19.82 4.87
CG DLY B 1 24.35 -20.58 5.40
CD DLY B 1 25.59 -19.67 5.44
CE DLY B 1 26.72 -20.30 6.26
NZ DLY B 1 27.74 -19.29 6.71
N DTY B 2 21.65 -21.95 2.95
CA DTY B 2 21.87 -23.17 2.17
C DTY B 2 20.58 -23.80 1.66
O DTY B 2 20.62 -24.75 0.88
CB DTY B 2 22.83 -22.88 1.02
CG DTY B 2 24.11 -22.19 1.46
CD1 DTY B 2 25.15 -22.91 2.04
CD2 DTY B 2 24.27 -20.82 1.32
CE1 DTY B 2 26.31 -22.29 2.45
CE2 DTY B 2 25.43 -20.19 1.73
CZ DTY B 2 26.45 -20.93 2.29
OH DTY B 2 27.61 -20.29 2.69
N DLY B 3 19.45 -23.26 2.10
CA DLY B 3 18.15 -23.70 1.61
C DLY B 3 17.92 -25.20 1.84
O DLY B 3 17.50 -25.91 0.93
CB DLY B 3 17.01 -22.88 2.24
CG DLY B 3 15.65 -23.16 1.61
CD DLY B 3 14.56 -22.27 2.18
CE DLY B 3 13.20 -22.62 1.57
NZ DLY B 3 12.16 -21.62 1.92
N DLY B 4 18.22 -25.68 3.05
CA DLY B 4 18.14 -27.11 3.32
C DLY B 4 19.19 -27.90 2.52
O DLY B 4 18.84 -28.91 1.89
CB DLY B 4 18.26 -27.39 4.83
CG DLY B 4 17.04 -26.93 5.66
CD DLY B 4 17.21 -27.20 7.15
N DAL B 5 20.43 -27.44 2.51
CA DAL B 5 21.48 -28.10 1.73
CB DAL B 5 22.83 -27.37 1.89
C DAL B 5 21.08 -28.19 0.26
O DAL B 5 21.37 -29.18 -0.43
N DLE B 6 20.38 -27.16 -0.23
CA DLE B 6 19.89 -27.15 -1.60
CB DLE B 6 19.33 -25.77 -1.96
CG DLE B 6 20.17 -24.91 -2.91
CD1 DLE B 6 20.03 -23.43 -2.56
CD2 DLE B 6 21.62 -25.31 -2.88
C DLE B 6 18.84 -28.25 -1.89
O DLE B 6 18.97 -28.99 -2.87
N DLY B 7 17.82 -28.34 -1.04
CA DLY B 7 16.76 -29.34 -1.24
C DLY B 7 17.33 -30.75 -1.15
O DLY B 7 16.93 -31.64 -1.91
CB DLY B 7 15.63 -29.20 -0.22
CG DLY B 7 15.13 -27.77 0.01
CD DLY B 7 14.06 -27.36 -0.99
CE DLY B 7 12.80 -26.89 -0.27
NZ DLY B 7 13.12 -26.10 0.95
N DLY B 8 18.28 -30.96 -0.23
CA DLY B 8 18.93 -32.25 -0.05
C DLY B 8 19.70 -32.65 -1.31
O DLY B 8 19.56 -33.76 -1.80
CB DLY B 8 19.88 -32.20 1.16
CG DLY B 8 20.58 -33.51 1.46
N DLE B 9 20.49 -31.71 -1.84
CA DLE B 9 21.25 -31.92 -3.07
CB DLE B 9 22.10 -30.68 -3.39
CG DLE B 9 23.61 -30.68 -3.14
CD1 DLE B 9 23.98 -30.20 -1.74
CD2 DLE B 9 24.21 -32.07 -3.39
C DLE B 9 20.35 -32.25 -4.26
O DLE B 9 20.63 -33.19 -5.00
N DAL B 10 19.29 -31.46 -4.45
CA DAL B 10 18.37 -31.64 -5.58
CB DAL B 10 17.38 -30.49 -5.64
C DAL B 10 17.63 -32.97 -5.56
O DAL B 10 17.26 -33.51 -6.60
N DLY B 11 17.40 -33.49 -4.35
CA DLY B 11 16.79 -34.80 -4.19
C DLY B 11 17.79 -35.87 -4.58
O DLY B 11 17.48 -36.77 -5.35
CB DLY B 11 16.33 -35.01 -2.74
N DLE B 12 19.01 -35.75 -4.07
CA DLE B 12 20.09 -36.70 -4.34
CB DLE B 12 21.33 -36.33 -3.52
CG DLE B 12 21.35 -36.83 -2.08
CD1 DLE B 12 21.88 -38.25 -2.02
CD2 DLE B 12 22.17 -35.90 -1.20
C DLE B 12 20.46 -36.81 -5.82
O DLE B 12 20.82 -37.89 -6.30
N DLE B 13 20.41 -35.69 -6.53
CA DLE B 13 20.90 -35.65 -7.90
CB DLE B 13 22.08 -34.69 -8.00
CG DLE B 13 23.23 -34.96 -7.01
CD1 DLE B 13 24.14 -36.09 -7.50
CD2 DLE B 13 24.03 -33.70 -6.72
C DLE B 13 19.80 -35.24 -8.88
O DLE B 13 20.09 -34.91 -10.04
N ALA C 1 -13.58 6.58 9.55
CA ALA C 1 -12.58 7.58 9.18
C ALA C 1 -12.91 8.29 7.88
N THR C 2 -12.38 9.51 7.74
CA THR C 2 -12.44 10.22 6.48
C THR C 2 -11.67 9.48 5.40
N GLN C 3 -12.26 9.40 4.21
CA GLN C 3 -11.67 8.72 3.07
C GLN C 3 -11.73 9.66 1.88
N GLY C 4 -10.84 9.41 0.91
CA GLY C 4 -10.83 10.16 -0.32
C GLY C 4 -10.18 11.53 -0.26
N VAL C 5 -9.49 11.85 0.85
CA VAL C 5 -8.79 13.12 0.99
C VAL C 5 -7.28 12.84 0.96
N PHE C 6 -6.56 13.61 0.15
CA PHE C 6 -5.13 13.41 -0.04
C PHE C 6 -4.40 14.73 -0.04
N THR C 7 -3.27 14.77 0.66
CA THR C 7 -2.38 15.93 0.64
C THR C 7 -1.27 15.69 -0.38
N LEU C 8 -1.33 16.40 -1.50
CA LEU C 8 -0.29 16.37 -2.51
C LEU C 8 0.71 17.47 -2.23
N PRO C 9 1.90 17.44 -2.85
CA PRO C 9 2.76 18.62 -2.81
C PRO C 9 2.07 19.78 -3.50
N ALA C 10 2.30 20.98 -3.00
CA ALA C 10 1.64 22.17 -3.54
C ALA C 10 2.05 22.38 -4.99
N ASN C 11 1.11 22.93 -5.77
CA ASN C 11 1.37 23.39 -7.13
C ASN C 11 2.03 22.32 -7.99
N THR C 12 1.51 21.10 -7.91
CA THR C 12 2.06 19.95 -8.61
C THR C 12 0.97 19.38 -9.53
N ARG C 13 1.30 19.17 -10.80
CA ARG C 13 0.35 18.55 -11.71
C ARG C 13 0.13 17.09 -11.33
N PHE C 14 -1.12 16.65 -11.39
CA PHE C 14 -1.44 15.26 -11.12
C PHE C 14 -2.51 14.78 -12.09
N GLY C 15 -2.50 13.47 -12.35
CA GLY C 15 -3.53 12.87 -13.18
C GLY C 15 -4.65 12.34 -12.32
N VAL C 16 -5.88 12.40 -12.84
CA VAL C 16 -7.02 11.76 -12.18
C VAL C 16 -7.81 10.99 -13.24
N THR C 17 -8.17 9.76 -12.91
CA THR C 17 -8.82 8.84 -13.84
C THR C 17 -9.88 8.05 -13.09
N ALA C 18 -11.05 7.90 -13.71
CA ALA C 18 -12.20 7.26 -13.06
C ALA C 18 -12.74 6.13 -13.92
N PHE C 19 -13.04 5.00 -13.27
CA PHE C 19 -13.64 3.85 -13.90
C PHE C 19 -14.98 3.56 -13.25
N ALA C 20 -15.91 2.98 -14.02
CA ALA C 20 -17.23 2.65 -13.50
C ALA C 20 -17.49 1.14 -13.61
N ASN C 21 -18.10 0.56 -12.56
CA ASN C 21 -18.45 -0.89 -12.49
C ASN C 21 -19.78 -1.04 -11.74
N SER C 22 -20.86 -0.58 -12.36
CA SER C 22 -22.15 -0.52 -11.68
C SER C 22 -23.27 -0.26 -12.69
N SER C 23 -24.46 -0.78 -12.39
CA SER C 23 -25.64 -0.38 -13.16
C SER C 23 -25.96 1.10 -12.97
N GLY C 24 -25.56 1.68 -11.84
CA GLY C 24 -25.88 3.07 -11.54
C GLY C 24 -24.90 4.05 -12.16
N THR C 25 -25.44 5.16 -12.64
CA THR C 25 -24.59 6.22 -13.21
C THR C 25 -23.78 6.89 -12.11
N GLN C 26 -22.47 6.91 -12.30
CA GLN C 26 -21.53 7.43 -11.31
C GLN C 26 -21.20 8.89 -11.63
N THR C 27 -21.22 9.74 -10.61
CA THR C 27 -20.69 11.10 -10.69
C THR C 27 -19.50 11.21 -9.75
N VAL C 28 -18.34 11.55 -10.30
CA VAL C 28 -17.12 11.73 -9.53
C VAL C 28 -16.76 13.21 -9.57
N ASN C 29 -16.58 13.80 -8.39
CA ASN C 29 -16.12 15.18 -8.27
C ASN C 29 -14.75 15.21 -7.64
N VAL C 30 -13.85 15.99 -8.23
CA VAL C 30 -12.49 16.18 -7.73
C VAL C 30 -12.38 17.62 -7.24
N LEU C 31 -12.17 17.78 -5.94
CA LEU C 31 -12.07 19.09 -5.30
C LEU C 31 -10.60 19.41 -5.06
N VAL C 32 -10.20 20.62 -5.42
CA VAL C 32 -8.87 21.13 -5.11
C VAL C 32 -9.09 22.40 -4.30
N ASN C 33 -8.48 22.44 -3.11
CA ASN C 33 -8.70 23.53 -2.15
C ASN C 33 -10.19 23.80 -1.96
N ASN C 34 -10.95 22.73 -1.69
CA ASN C 34 -12.36 22.78 -1.35
C ASN C 34 -13.25 23.33 -2.46
N GLU C 35 -12.72 23.48 -3.68
CA GLU C 35 -13.51 23.89 -4.83
C GLU C 35 -13.42 22.84 -5.93
N THR C 36 -14.55 22.63 -6.61
CA THR C 36 -14.63 21.62 -7.65
C THR C 36 -13.70 21.97 -8.81
N ALA C 37 -12.86 21.01 -9.20
CA ALA C 37 -11.90 21.23 -10.27
C ALA C 37 -12.13 20.34 -11.47
N ALA C 38 -12.89 19.26 -11.33
CA ALA C 38 -13.22 18.36 -12.42
C ALA C 38 -14.45 17.57 -12.03
N THR C 39 -15.26 17.23 -13.03
CA THR C 39 -16.43 16.39 -12.79
C THR C 39 -16.54 15.36 -13.90
N PHE C 40 -16.69 14.09 -13.52
CA PHE C 40 -16.86 13.00 -14.47
C PHE C 40 -18.17 12.29 -14.17
N SER C 41 -18.88 11.90 -15.22
CA SER C 41 -20.08 11.09 -15.04
C SER C 41 -20.15 10.07 -16.17
N GLY C 42 -20.67 8.88 -15.84
CA GLY C 42 -20.72 7.81 -16.81
C GLY C 42 -21.28 6.56 -16.17
N GLN C 43 -21.61 5.59 -17.03
CA GLN C 43 -22.19 4.34 -16.59
C GLN C 43 -21.53 3.20 -17.36
N SER C 44 -21.11 2.17 -16.64
CA SER C 44 -20.49 0.98 -17.25
C SER C 44 -20.46 -0.13 -16.22
N THR C 45 -20.62 -1.37 -16.68
CA THR C 45 -20.30 -2.52 -15.85
C THR C 45 -19.04 -3.22 -16.32
N ASN C 46 -18.26 -2.59 -17.20
CA ASN C 46 -17.08 -3.19 -17.81
C ASN C 46 -15.84 -2.32 -17.62
N ASN C 47 -15.76 -1.60 -16.50
CA ASN C 47 -14.58 -0.83 -16.12
C ASN C 47 -14.23 0.24 -17.15
N ALA C 48 -15.21 0.76 -17.87
CA ALA C 48 -14.91 1.78 -18.88
C ALA C 48 -14.43 3.05 -18.20
N VAL C 49 -13.53 3.76 -18.87
CA VAL C 49 -13.08 5.05 -18.37
C VAL C 49 -14.21 6.06 -18.54
N ILE C 50 -14.65 6.66 -17.43
CA ILE C 50 -15.67 7.71 -17.51
C ILE C 50 -15.06 9.10 -17.44
N GLY C 51 -13.75 9.20 -17.24
CA GLY C 51 -13.08 10.47 -17.35
C GLY C 51 -11.61 10.36 -16.98
N THR C 52 -10.77 11.17 -17.61
CA THR C 52 -9.38 11.33 -17.21
C THR C 52 -8.97 12.77 -17.50
N GLN C 53 -8.14 13.35 -16.62
CA GLN C 53 -7.81 14.76 -16.68
C GLN C 53 -6.53 15.02 -15.90
N VAL C 54 -5.85 16.10 -16.26
CA VAL C 54 -4.68 16.58 -15.56
C VAL C 54 -5.08 17.83 -14.79
N LEU C 55 -4.82 17.84 -13.49
CA LEU C 55 -5.16 18.98 -12.64
C LEU C 55 -3.92 19.49 -11.91
N ASN C 56 -4.06 20.63 -11.25
CA ASN C 56 -2.98 21.18 -10.45
C ASN C 56 -3.39 21.19 -8.99
N SER C 57 -2.51 20.67 -8.12
CA SER C 57 -2.85 20.54 -6.71
C SER C 57 -2.99 21.89 -6.01
N GLY C 58 -2.63 22.98 -6.66
CA GLY C 58 -2.85 24.30 -6.07
C GLY C 58 -1.95 24.57 -4.86
N SER C 59 -2.26 25.68 -4.20
CA SER C 59 -1.40 26.20 -3.15
C SER C 59 -1.47 25.37 -1.88
N SER C 60 -2.60 24.71 -1.61
CA SER C 60 -2.73 23.90 -0.40
C SER C 60 -2.34 22.44 -0.62
N GLY C 61 -2.38 21.95 -1.85
CA GLY C 61 -2.15 20.53 -2.09
C GLY C 61 -3.26 19.60 -1.67
N LYS C 62 -4.36 20.12 -1.13
CA LYS C 62 -5.44 19.26 -0.63
C LYS C 62 -6.35 18.86 -1.78
N VAL C 63 -6.46 17.55 -2.02
CA VAL C 63 -7.30 17.03 -3.09
C VAL C 63 -8.33 16.11 -2.48
N GLN C 64 -9.59 16.29 -2.87
CA GLN C 64 -10.65 15.43 -2.37
C GLN C 64 -11.43 14.82 -3.51
N VAL C 65 -11.75 13.54 -3.37
CA VAL C 65 -12.59 12.80 -4.30
C VAL C 65 -13.92 12.51 -3.64
N GLN C 66 -15.00 12.79 -4.35
CA GLN C 66 -16.37 12.51 -3.91
C GLN C 66 -17.07 11.74 -5.02
N VAL C 67 -17.86 10.75 -4.63
CA VAL C 67 -18.61 9.93 -5.59
C VAL C 67 -20.06 9.90 -5.14
N SER C 68 -20.98 10.05 -6.08
CA SER C 68 -22.39 9.92 -5.76
C SER C 68 -23.11 9.33 -6.95
N VAL C 69 -24.27 8.74 -6.67
CA VAL C 69 -25.10 8.15 -7.71
C VAL C 69 -26.46 8.84 -7.60
N ASN C 70 -26.72 9.75 -8.54
CA ASN C 70 -27.93 10.59 -8.54
C ASN C 70 -28.12 11.27 -7.18
N GLY C 71 -27.09 11.98 -6.73
CA GLY C 71 -27.17 12.80 -5.54
C GLY C 71 -26.95 12.08 -4.22
N ARG C 72 -26.95 10.74 -4.19
CA ARG C 72 -26.70 10.02 -2.96
C ARG C 72 -25.21 9.73 -2.81
N PRO C 73 -24.54 10.26 -1.79
CA PRO C 73 -23.10 9.98 -1.63
C PRO C 73 -22.81 8.50 -1.50
N SER C 74 -21.82 8.02 -2.25
CA SER C 74 -21.35 6.65 -2.09
C SER C 74 -20.34 6.55 -0.94
N ASP C 75 -20.32 5.39 -0.27
CA ASP C 75 -19.30 5.14 0.72
C ASP C 75 -17.95 4.92 0.04
N LEU C 76 -16.89 5.53 0.57
CA LEU C 76 -15.57 5.46 -0.05
C LEU C 76 -14.59 4.63 0.77
N VAL C 77 -13.63 4.02 0.07
CA VAL C 77 -12.40 3.50 0.68
C VAL C 77 -11.23 4.13 -0.07
N SER C 78 -10.13 4.37 0.64
CA SER C 78 -9.01 5.06 0.00
C SER C 78 -7.70 4.77 0.71
N ALA C 79 -6.61 4.95 -0.03
CA ALA C 79 -5.27 4.93 0.53
C ALA C 79 -4.31 5.54 -0.48
N GLN C 80 -3.12 5.90 0.00
CA GLN C 80 -2.04 6.39 -0.84
C GLN C 80 -0.85 5.44 -0.74
N VAL C 81 -0.22 5.16 -1.86
CA VAL C 81 0.96 4.30 -1.86
C VAL C 81 2.05 5.00 -2.64
N ILE C 82 3.29 4.89 -2.14
CA ILE C 82 4.45 5.53 -2.73
C ILE C 82 5.47 4.45 -3.03
N LEU C 83 5.89 4.36 -4.30
CA LEU C 83 6.91 3.42 -4.73
C LEU C 83 8.23 4.15 -4.97
N THR C 84 9.33 3.47 -4.64
CA THR C 84 10.69 3.99 -4.56
C THR C 84 10.77 5.47 -4.14
N ASN C 85 9.95 5.85 -3.16
CA ASN C 85 9.97 7.19 -2.55
C ASN C 85 9.65 8.32 -3.54
N GLU C 86 9.07 8.01 -4.71
CA GLU C 86 8.88 9.05 -5.73
C GLU C 86 7.58 8.92 -6.51
N LEU C 87 7.09 7.73 -6.77
CA LEU C 87 5.88 7.52 -7.56
C LEU C 87 4.69 7.37 -6.62
N ASN C 88 3.70 8.25 -6.77
CA ASN C 88 2.57 8.34 -5.86
C ASN C 88 1.28 7.92 -6.53
N PHE C 89 0.55 7.03 -5.88
CA PHE C 89 -0.81 6.66 -6.27
C PHE C 89 -1.76 6.98 -5.13
N ALA C 90 -2.80 7.75 -5.41
CA ALA C 90 -3.91 7.92 -4.49
C ALA C 90 -5.06 7.14 -5.08
N LEU C 91 -5.59 6.20 -4.32
CA LEU C 91 -6.58 5.25 -4.82
C LEU C 91 -7.88 5.42 -4.05
N VAL C 92 -9.00 5.35 -4.77
CA VAL C 92 -10.33 5.50 -4.18
C VAL C 92 -11.22 4.40 -4.74
N GLY C 93 -11.93 3.71 -3.84
CA GLY C 93 -13.03 2.86 -4.24
C GLY C 93 -14.33 3.41 -3.68
N SER C 94 -15.47 3.00 -4.25
CA SER C 94 -16.74 3.51 -3.79
C SER C 94 -17.81 2.43 -3.95
N GLU C 95 -18.76 2.44 -3.02
CA GLU C 95 -19.87 1.49 -3.00
C GLU C 95 -21.16 2.30 -3.04
N ASP C 96 -21.99 2.02 -4.04
CA ASP C 96 -23.28 2.69 -4.20
C ASP C 96 -24.45 1.80 -3.81
N GLY C 97 -24.20 0.57 -3.35
CA GLY C 97 -25.27 -0.33 -3.01
C GLY C 97 -24.97 -1.22 -1.82
N THR C 98 -25.25 -2.51 -1.95
CA THR C 98 -25.18 -3.41 -0.81
C THR C 98 -24.19 -4.56 -0.97
N ASP C 99 -23.70 -4.84 -2.18
CA ASP C 99 -22.83 -5.99 -2.40
C ASP C 99 -21.39 -5.77 -1.95
N ASN C 100 -20.98 -4.52 -1.73
CA ASN C 100 -19.68 -4.21 -1.13
C ASN C 100 -18.50 -4.68 -1.99
N ASP C 101 -18.62 -4.59 -3.32
CA ASP C 101 -17.43 -4.78 -4.13
C ASP C 101 -16.57 -3.53 -4.21
N TYR C 102 -17.13 -2.36 -3.86
CA TYR C 102 -16.40 -1.09 -3.75
C TYR C 102 -15.63 -0.74 -5.03
N ASN C 103 -16.17 -1.14 -6.18
CA ASN C 103 -15.59 -0.79 -7.47
C ASN C 103 -16.57 0.01 -8.31
N ASP C 104 -17.70 0.42 -7.74
CA ASP C 104 -18.77 1.03 -8.52
C ASP C 104 -18.27 2.27 -9.25
N ALA C 105 -17.48 3.09 -8.56
CA ALA C 105 -16.59 4.05 -9.17
C ALA C 105 -15.20 3.83 -8.58
N VAL C 106 -14.21 3.69 -9.46
CA VAL C 106 -12.83 3.50 -9.06
C VAL C 106 -12.04 4.70 -9.57
N VAL C 107 -11.38 5.41 -8.67
CA VAL C 107 -10.67 6.63 -9.02
C VAL C 107 -9.20 6.46 -8.66
N VAL C 108 -8.33 6.71 -9.62
CA VAL C 108 -6.89 6.61 -9.44
C VAL C 108 -6.28 7.98 -9.69
N ILE C 109 -5.53 8.47 -8.72
CA ILE C 109 -4.78 9.72 -8.85
C ILE C 109 -3.30 9.37 -8.85
N ASN C 110 -2.54 9.96 -9.79
CA ASN C 110 -1.11 9.67 -9.87
C ASN C 110 -0.30 10.93 -10.07
N TRP C 111 0.85 11.00 -9.40
CA TRP C 111 1.80 12.08 -9.59
C TRP C 111 3.18 11.57 -9.17
N PRO C 112 4.27 12.23 -9.62
CA PRO C 112 4.29 13.39 -10.51
C PRO C 112 4.09 12.99 -11.96
N LEU C 113 3.87 13.98 -12.82
CA LEU C 113 3.69 13.78 -14.25
C LEU C 113 4.94 14.21 -15.02
N GLY C 114 4.91 13.94 -16.33
CA GLY C 114 5.90 14.50 -17.23
C GLY C 114 7.19 13.72 -17.37
N DLY D 1 -28.25 -3.04 -8.79
CA DLY D 1 -29.43 -2.98 -9.65
C DLY D 1 -29.27 -3.76 -10.97
O DLY D 1 -29.49 -3.21 -12.04
CB DLY D 1 -30.66 -3.49 -8.89
CG DLY D 1 -30.97 -2.66 -7.67
CD DLY D 1 -31.39 -1.25 -8.05
CE DLY D 1 -31.49 -0.35 -6.82
NZ DLY D 1 -32.25 -0.98 -5.71
N DTY D 2 -28.91 -5.03 -10.85
CA DTY D 2 -28.77 -5.90 -12.03
C DTY D 2 -27.33 -6.32 -12.21
O DTY D 2 -26.59 -6.44 -11.23
CB DTY D 2 -29.64 -7.13 -11.89
CG DTY D 2 -31.11 -6.83 -11.94
CD1 DTY D 2 -31.77 -6.69 -13.16
CD2 DTY D 2 -31.84 -6.66 -10.77
CE1 DTY D 2 -33.12 -6.40 -13.20
CE2 DTY D 2 -33.20 -6.38 -10.81
CZ DTY D 2 -33.84 -6.25 -12.03
OH DTY D 2 -35.18 -5.96 -12.07
N DLY D 3 -26.95 -6.58 -13.46
CA DLY D 3 -25.56 -6.84 -13.83
C DLY D 3 -24.87 -7.87 -12.94
O DLY D 3 -24.20 -7.51 -11.98
CB DLY D 3 -25.43 -7.23 -15.30
CG DLY D 3 -25.42 -6.06 -16.26
CD DLY D 3 -24.89 -6.47 -17.62
CE DLY D 3 -24.54 -5.26 -18.49
NZ DLY D 3 -25.73 -4.43 -18.83
N DLY D 4 -25.05 -9.14 -13.25
CA DLY D 4 -24.39 -10.17 -12.46
C DLY D 4 -25.05 -11.55 -12.62
O DLY D 4 -24.64 -12.50 -11.97
CB DLY D 4 -22.89 -10.21 -12.79
CG DLY D 4 -22.01 -10.12 -11.55
CD DLY D 4 -21.39 -8.73 -11.35
CE DLY D 4 -20.63 -8.67 -10.03
NZ DLY D 4 -19.79 -7.45 -9.87
N DAL D 5 -26.07 -11.61 -13.49
CA DAL D 5 -26.80 -12.86 -13.72
CB DAL D 5 -26.37 -13.50 -15.05
C DAL D 5 -28.33 -12.70 -13.67
O DAL D 5 -29.05 -13.63 -13.26
N DLE D 6 -28.82 -11.53 -14.08
CA DLE D 6 -30.26 -11.25 -14.03
CB DLE D 6 -30.64 -10.10 -14.99
C DLE D 6 -30.69 -10.90 -12.61
O DLE D 6 -30.31 -11.58 -11.67
N ALA E 1 14.70 -7.35 -6.88
CA ALA E 1 13.59 -8.29 -6.83
C ALA E 1 12.72 -8.20 -8.07
N THR E 2 12.06 -9.30 -8.37
CA THR E 2 11.11 -9.33 -9.48
C THR E 2 9.99 -8.32 -9.21
N GLN E 3 9.62 -7.58 -10.26
CA GLN E 3 8.58 -6.57 -10.16
C GLN E 3 7.65 -6.69 -11.35
N GLY E 4 6.41 -6.23 -11.16
CA GLY E 4 5.46 -6.29 -12.25
C GLY E 4 4.83 -7.65 -12.44
N VAL E 5 4.92 -8.53 -11.46
CA VAL E 5 4.27 -9.85 -11.51
C VAL E 5 3.23 -9.91 -10.40
N PHE E 6 2.01 -10.30 -10.75
CA PHE E 6 0.90 -10.31 -9.81
C PHE E 6 0.11 -11.59 -9.97
N THR E 7 -0.26 -12.17 -8.84
CA THR E 7 -1.12 -13.36 -8.80
C THR E 7 -2.55 -12.89 -8.53
N LEU E 8 -3.41 -13.00 -9.53
CA LEU E 8 -4.82 -12.70 -9.43
C LEU E 8 -5.58 -13.98 -9.13
N PRO E 9 -6.83 -13.88 -8.66
CA PRO E 9 -7.68 -15.08 -8.64
C PRO E 9 -7.88 -15.58 -10.06
N ALA E 10 -7.92 -16.91 -10.21
CA ALA E 10 -8.03 -17.50 -11.54
C ALA E 10 -9.34 -17.08 -12.20
N ASN E 11 -9.32 -17.02 -13.53
CA ASN E 11 -10.53 -16.85 -14.35
C ASN E 11 -11.34 -15.64 -13.91
N THR E 12 -10.65 -14.51 -13.71
CA THR E 12 -11.25 -13.31 -13.17
C THR E 12 -10.96 -12.15 -14.11
N ARG E 13 -12.02 -11.45 -14.55
CA ARG E 13 -11.83 -10.26 -15.37
C ARG E 13 -11.12 -9.17 -14.58
N PHE E 14 -10.19 -8.51 -15.24
CA PHE E 14 -9.48 -7.40 -14.63
C PHE E 14 -9.26 -6.32 -15.68
N GLY E 15 -9.09 -5.09 -15.21
CA GLY E 15 -8.82 -3.95 -16.08
C GLY E 15 -7.35 -3.61 -16.03
N VAL E 16 -6.81 -3.19 -17.16
CA VAL E 16 -5.44 -2.71 -17.19
C VAL E 16 -5.42 -1.41 -17.97
N THR E 17 -4.76 -0.40 -17.41
CA THR E 17 -4.69 0.93 -18.01
C THR E 17 -3.27 1.44 -17.91
N ALA E 18 -2.77 2.01 -19.00
CA ALA E 18 -1.41 2.53 -19.04
C ALA E 18 -1.40 4.03 -19.36
N PHE E 19 -0.57 4.77 -18.62
CA PHE E 19 -0.33 6.18 -18.87
C PHE E 19 1.13 6.39 -19.23
N ALA E 20 1.42 7.41 -20.03
CA ALA E 20 2.78 7.72 -20.46
C ALA E 20 3.20 9.11 -20.00
N ASN E 21 4.47 9.24 -19.54
CA ASN E 21 5.06 10.50 -19.06
C ASN E 21 6.56 10.51 -19.43
N SER E 22 6.85 10.62 -20.72
CA SER E 22 8.24 10.58 -21.16
C SER E 22 8.32 11.04 -22.61
N SER E 23 9.51 11.54 -22.99
CA SER E 23 9.77 11.82 -24.40
C SER E 23 9.85 10.55 -25.22
N GLY E 24 10.23 9.43 -24.60
CA GLY E 24 10.31 8.18 -25.32
C GLY E 24 8.96 7.52 -25.53
N THR E 25 8.84 6.79 -26.64
CA THR E 25 7.63 6.01 -26.92
C THR E 25 7.59 4.77 -26.03
N GLN E 26 6.53 4.64 -25.23
CA GLN E 26 6.38 3.53 -24.31
C GLN E 26 5.65 2.37 -24.97
N THR E 27 6.16 1.16 -24.74
CA THR E 27 5.51 -0.05 -25.20
C THR E 27 5.23 -0.91 -23.97
N VAL E 28 3.95 -1.12 -23.67
CA VAL E 28 3.50 -1.85 -22.50
C VAL E 28 2.97 -3.20 -22.97
N ASN E 29 3.52 -4.27 -22.42
CA ASN E 29 3.06 -5.62 -22.71
C ASN E 29 2.47 -6.24 -21.46
N VAL E 30 1.28 -6.83 -21.60
CA VAL E 30 0.60 -7.52 -20.52
C VAL E 30 0.55 -8.99 -20.89
N LEU E 31 1.12 -9.82 -20.03
CA LEU E 31 1.15 -11.25 -20.25
C LEU E 31 0.18 -11.94 -19.29
N VAL E 32 -0.56 -12.92 -19.81
CA VAL E 32 -1.38 -13.81 -18.99
C VAL E 32 -1.02 -15.24 -19.37
N ASN E 33 -0.76 -16.08 -18.36
CA ASN E 33 -0.25 -17.43 -18.57
C ASN E 33 1.01 -17.39 -19.43
N ASN E 34 1.86 -16.38 -19.19
CA ASN E 34 3.13 -16.19 -19.87
C ASN E 34 2.97 -15.96 -21.38
N GLU E 35 1.77 -15.59 -21.83
CA GLU E 35 1.51 -15.27 -23.23
C GLU E 35 0.97 -13.85 -23.32
N THR E 36 1.46 -13.09 -24.31
CA THR E 36 1.02 -11.71 -24.52
C THR E 36 -0.49 -11.66 -24.72
N ALA E 37 -1.18 -10.91 -23.86
CA ALA E 37 -2.62 -10.75 -23.96
C ALA E 37 -3.05 -9.36 -24.41
N ALA E 38 -2.21 -8.35 -24.23
CA ALA E 38 -2.51 -7.00 -24.68
C ALA E 38 -1.20 -6.24 -24.87
N THR E 39 -1.19 -5.31 -25.83
CA THR E 39 -0.03 -4.45 -26.03
C THR E 39 -0.49 -3.01 -26.21
N PHE E 40 0.15 -2.09 -25.48
CA PHE E 40 -0.14 -0.67 -25.58
C PHE E 40 1.14 0.06 -25.97
N SER E 41 1.00 1.00 -26.91
CA SER E 41 2.11 1.78 -27.41
C SER E 41 1.65 3.22 -27.54
N GLY E 42 2.41 4.15 -26.99
CA GLY E 42 2.08 5.56 -27.14
C GLY E 42 3.19 6.42 -26.56
N GLN E 43 3.09 7.72 -26.84
CA GLN E 43 4.03 8.71 -26.35
C GLN E 43 3.26 9.91 -25.79
N SER E 44 3.70 10.39 -24.64
CA SER E 44 3.11 11.59 -24.04
C SER E 44 3.93 12.01 -22.84
N THR E 45 3.97 13.33 -22.59
CA THR E 45 4.49 13.88 -21.35
C THR E 45 3.37 14.49 -20.48
N ASN E 46 2.12 14.20 -20.81
CA ASN E 46 0.96 14.75 -20.11
C ASN E 46 0.06 13.65 -19.55
N ASN E 47 0.65 12.49 -19.25
CA ASN E 47 -0.06 11.41 -18.56
C ASN E 47 -1.25 10.90 -19.38
N ALA E 48 -1.15 10.94 -20.70
CA ALA E 48 -2.24 10.49 -21.53
C ALA E 48 -2.41 8.96 -21.42
N VAL E 49 -3.65 8.51 -21.58
CA VAL E 49 -3.92 7.07 -21.61
C VAL E 49 -3.43 6.53 -22.94
N ILE E 50 -2.47 5.59 -22.89
CA ILE E 50 -2.00 4.98 -24.13
C ILE E 50 -2.67 3.64 -24.41
N GLY E 51 -3.38 3.08 -23.44
CA GLY E 51 -4.21 1.92 -23.65
C GLY E 51 -5.07 1.65 -22.45
N THR E 52 -6.23 1.02 -22.65
CA THR E 52 -7.05 0.50 -21.56
C THR E 52 -7.82 -0.69 -22.10
N GLN E 53 -7.98 -1.72 -21.28
CA GLN E 53 -8.55 -2.96 -21.79
C GLN E 53 -8.98 -3.84 -20.62
N VAL E 54 -9.90 -4.75 -20.92
CA VAL E 54 -10.39 -5.72 -19.97
C VAL E 54 -9.88 -7.09 -20.41
N LEU E 55 -9.23 -7.80 -19.49
CA LEU E 55 -8.66 -9.10 -19.79
C LEU E 55 -9.11 -10.09 -18.73
N ASN E 56 -8.83 -11.36 -18.98
CA ASN E 56 -9.15 -12.43 -18.03
C ASN E 56 -7.86 -13.01 -17.47
N SER E 57 -7.81 -13.20 -16.16
CA SER E 57 -6.61 -13.70 -15.49
C SER E 57 -6.29 -15.16 -15.80
N GLY E 58 -7.14 -15.89 -16.52
CA GLY E 58 -6.80 -17.25 -16.92
C GLY E 58 -6.75 -18.25 -15.76
N SER E 59 -6.35 -19.48 -16.10
CA SER E 59 -6.37 -20.57 -15.13
C SER E 59 -5.28 -20.45 -14.07
N SER E 60 -4.18 -19.77 -14.38
CA SER E 60 -3.14 -19.61 -13.36
C SER E 60 -3.34 -18.36 -12.53
N GLY E 61 -3.94 -17.32 -13.10
CA GLY E 61 -4.01 -16.05 -12.43
C GLY E 61 -2.71 -15.24 -12.45
N LYS E 62 -1.66 -15.74 -13.09
CA LYS E 62 -0.40 -15.01 -13.13
C LYS E 62 -0.46 -13.91 -14.19
N VAL E 63 -0.27 -12.66 -13.78
CA VAL E 63 -0.29 -11.52 -14.69
C VAL E 63 1.06 -10.79 -14.59
N GLN E 64 1.61 -10.42 -15.75
CA GLN E 64 2.90 -9.78 -15.79
C GLN E 64 2.88 -8.57 -16.71
N VAL E 65 3.45 -7.48 -16.23
CA VAL E 65 3.53 -6.23 -16.97
C VAL E 65 4.99 -5.97 -17.33
N GLN E 66 5.25 -5.78 -18.62
CA GLN E 66 6.57 -5.41 -19.11
C GLN E 66 6.48 -4.09 -19.86
N VAL E 67 7.48 -3.23 -19.65
CA VAL E 67 7.57 -1.94 -20.32
C VAL E 67 8.94 -1.85 -20.97
N SER E 68 8.97 -1.41 -22.23
CA SER E 68 10.24 -1.17 -22.91
C SER E 68 10.11 0.06 -23.79
N VAL E 69 11.24 0.70 -24.04
CA VAL E 69 11.32 1.86 -24.93
C VAL E 69 12.38 1.54 -25.96
N ASN E 70 12.01 1.58 -27.24
CA ASN E 70 12.96 1.36 -28.34
C ASN E 70 13.68 0.01 -28.19
N GLY E 71 13.00 -0.96 -27.58
CA GLY E 71 13.55 -2.29 -27.39
C GLY E 71 14.19 -2.53 -26.03
N ARG E 72 14.55 -1.46 -25.30
CA ARG E 72 15.25 -1.61 -24.05
C ARG E 72 14.26 -1.73 -22.90
N PRO E 73 14.23 -2.85 -22.17
CA PRO E 73 13.30 -2.97 -21.04
C PRO E 73 13.56 -1.89 -20.01
N SER E 74 12.49 -1.28 -19.51
CA SER E 74 12.59 -0.26 -18.49
C SER E 74 12.67 -0.91 -17.11
N ASP E 75 13.30 -0.21 -16.16
CA ASP E 75 13.30 -0.67 -14.78
C ASP E 75 11.91 -0.48 -14.18
N LEU E 76 11.41 -1.50 -13.50
CA LEU E 76 10.05 -1.47 -12.95
C LEU E 76 10.04 -1.39 -11.44
N VAL E 77 9.03 -0.71 -10.90
CA VAL E 77 8.64 -0.81 -9.50
C VAL E 77 7.17 -1.22 -9.46
N SER E 78 6.78 -1.96 -8.43
CA SER E 78 5.41 -2.44 -8.42
C SER E 78 4.98 -2.77 -7.00
N ALA E 79 3.66 -2.89 -6.82
CA ALA E 79 3.07 -3.32 -5.56
C ALA E 79 1.59 -3.57 -5.78
N GLN E 80 1.02 -4.37 -4.89
CA GLN E 80 -0.41 -4.60 -4.87
C GLN E 80 -0.99 -4.06 -3.56
N VAL E 81 -2.14 -3.41 -3.63
CA VAL E 81 -2.80 -2.90 -2.45
C VAL E 81 -4.26 -3.34 -2.49
N ILE E 82 -4.79 -3.71 -1.33
CA ILE E 82 -6.16 -4.22 -1.21
C ILE E 82 -6.89 -3.35 -0.19
N LEU E 83 -8.02 -2.78 -0.61
CA LEU E 83 -8.86 -1.97 0.27
C LEU E 83 -10.10 -2.77 0.68
N THR E 84 -10.47 -2.67 1.96
CA THR E 84 -11.61 -3.34 2.57
C THR E 84 -11.72 -4.80 2.14
N ASN E 85 -10.56 -5.44 1.94
CA ASN E 85 -10.43 -6.88 1.68
C ASN E 85 -11.12 -7.31 0.39
N GLU E 86 -11.37 -6.40 -0.55
CA GLU E 86 -12.18 -6.72 -1.72
C GLU E 86 -11.70 -6.02 -2.98
N LEU E 87 -11.26 -4.76 -2.86
CA LEU E 87 -10.87 -3.97 -4.01
C LEU E 87 -9.36 -4.01 -4.17
N ASN E 88 -8.90 -4.47 -5.33
CA ASN E 88 -7.50 -4.78 -5.58
C ASN E 88 -6.91 -3.82 -6.62
N PHE E 89 -5.74 -3.28 -6.30
CA PHE E 89 -4.95 -2.49 -7.22
C PHE E 89 -3.56 -3.12 -7.38
N ALA E 90 -3.19 -3.38 -8.62
CA ALA E 90 -1.83 -3.78 -8.97
C ALA E 90 -1.20 -2.61 -9.70
N LEU E 91 -0.15 -2.05 -9.12
CA LEU E 91 0.45 -0.80 -9.59
C LEU E 91 1.85 -1.07 -10.11
N VAL E 92 2.16 -0.47 -11.27
CA VAL E 92 3.49 -0.55 -11.88
C VAL E 92 3.90 0.85 -12.31
N GLY E 93 5.13 1.22 -11.95
CA GLY E 93 5.78 2.36 -12.57
C GLY E 93 7.04 1.89 -13.26
N SER E 94 7.59 2.71 -14.16
CA SER E 94 8.74 2.30 -14.93
C SER E 94 9.65 3.50 -15.20
N GLU E 95 10.94 3.22 -15.38
CA GLU E 95 11.96 4.24 -15.61
C GLU E 95 12.73 3.88 -16.87
N ASP E 96 12.69 4.75 -17.88
CA ASP E 96 13.40 4.53 -19.13
C ASP E 96 14.72 5.32 -19.21
N GLY E 97 15.03 6.12 -18.20
CA GLY E 97 16.17 7.01 -18.29
C GLY E 97 16.92 7.10 -16.98
N THR E 98 17.28 8.32 -16.57
CA THR E 98 18.16 8.52 -15.42
C THR E 98 17.60 9.44 -14.35
N ASP E 99 16.48 10.12 -14.58
CA ASP E 99 15.94 11.01 -13.55
C ASP E 99 15.15 10.27 -12.47
N ASN E 100 14.82 9.00 -12.68
CA ASN E 100 14.20 8.15 -11.63
C ASN E 100 12.87 8.74 -11.13
N ASP E 101 12.09 9.30 -12.05
CA ASP E 101 10.73 9.65 -11.63
C ASP E 101 9.80 8.44 -11.72
N TYR E 102 10.21 7.39 -12.43
CA TYR E 102 9.49 6.12 -12.50
C TYR E 102 8.02 6.28 -12.91
N ASN E 103 7.72 7.30 -13.71
CA ASN E 103 6.38 7.53 -14.23
C ASN E 103 6.32 7.41 -15.75
N ASP E 104 7.42 6.98 -16.39
CA ASP E 104 7.54 7.08 -17.84
C ASP E 104 6.45 6.28 -18.53
N ALA E 105 6.16 5.08 -18.03
CA ALA E 105 4.89 4.42 -18.24
C ALA E 105 4.37 4.03 -16.87
N VAL E 106 3.12 4.39 -16.58
CA VAL E 106 2.44 4.03 -15.34
C VAL E 106 1.28 3.10 -15.71
N VAL E 107 1.27 1.90 -15.13
CA VAL E 107 0.27 0.88 -15.45
C VAL E 107 -0.50 0.53 -14.19
N VAL E 108 -1.83 0.52 -14.30
CA VAL E 108 -2.71 0.25 -13.17
C VAL E 108 -3.62 -0.90 -13.56
N ILE E 109 -3.65 -1.91 -12.71
CA ILE E 109 -4.53 -3.07 -12.87
C ILE E 109 -5.51 -3.06 -11.71
N ASN E 110 -6.80 -3.25 -12.00
CA ASN E 110 -7.80 -3.23 -10.93
C ASN E 110 -8.77 -4.39 -11.10
N TRP E 111 -9.14 -4.99 -9.98
CA TRP E 111 -10.19 -6.01 -9.96
C TRP E 111 -10.79 -6.06 -8.57
N PRO E 112 -12.00 -6.64 -8.42
CA PRO E 112 -12.85 -7.21 -9.46
C PRO E 112 -13.59 -6.13 -10.27
N LEU E 113 -14.18 -6.56 -11.38
CA LEU E 113 -14.98 -5.71 -12.24
C LEU E 113 -16.47 -5.99 -12.01
N GLY E 114 -17.31 -5.15 -12.63
CA GLY E 114 -18.74 -5.38 -12.61
C GLY E 114 -19.57 -4.76 -11.50
N DLY F 1 14.81 12.57 -22.22
CA DLY F 1 15.13 13.09 -23.54
C DLY F 1 14.34 14.36 -23.85
O DLY F 1 13.70 14.48 -24.89
CB DLY F 1 16.64 13.35 -23.66
CG DLY F 1 17.39 12.27 -24.44
CD DLY F 1 16.95 10.87 -24.02
CE DLY F 1 17.57 9.79 -24.90
NZ DLY F 1 19.05 9.71 -24.75
N DTY F 2 14.40 15.31 -22.92
CA DTY F 2 13.74 16.59 -23.11
C DTY F 2 12.63 16.75 -22.11
O DTY F 2 12.72 16.29 -20.98
CB DTY F 2 14.74 17.73 -22.93
CG DTY F 2 15.68 17.85 -24.09
CD1 DTY F 2 15.24 18.38 -25.31
CD2 DTY F 2 17.00 17.44 -23.99
CE1 DTY F 2 16.09 18.49 -26.38
CE2 DTY F 2 17.86 17.55 -25.06
CZ DTY F 2 17.41 18.08 -26.26
OH DTY F 2 18.26 18.19 -27.33
N DLY F 3 11.56 17.42 -22.56
CA DLY F 3 10.44 17.73 -21.70
C DLY F 3 11.01 18.48 -20.52
O DLY F 3 12.02 19.17 -20.65
CB DLY F 3 9.42 18.59 -22.44
CG DLY F 3 9.21 18.17 -23.90
CD DLY F 3 7.79 17.68 -24.17
CE DLY F 3 6.84 18.84 -24.42
NZ DLY F 3 5.72 18.46 -25.33
N DLY F 4 10.40 18.34 -19.36
CA DLY F 4 10.87 19.08 -18.20
C DLY F 4 10.70 20.59 -18.46
O DLY F 4 9.88 21.26 -17.82
CB DLY F 4 10.16 18.60 -16.93
CG DLY F 4 10.43 17.11 -16.65
CD DLY F 4 9.55 16.52 -15.56
CE DLY F 4 9.87 15.03 -15.36
NZ DLY F 4 8.98 14.34 -14.35
N DAL F 5 11.49 21.10 -19.40
CA DAL F 5 11.51 22.51 -19.85
CB DAL F 5 10.16 22.92 -20.42
C DAL F 5 12.63 22.75 -20.88
O DAL F 5 13.61 23.45 -20.59
N DLE F 6 12.47 22.20 -22.09
CA DLE F 6 13.51 22.32 -23.12
CB DLE F 6 12.96 22.00 -24.51
C DLE F 6 14.70 21.40 -22.81
O DLE F 6 15.71 21.84 -22.28
N ALA G 1 -16.99 1.51 5.22
CA ALA G 1 -16.64 0.15 4.84
C ALA G 1 -16.12 -0.66 6.02
N THR G 2 -16.19 -1.97 5.90
CA THR G 2 -15.57 -2.84 6.88
C THR G 2 -14.05 -2.64 6.85
N GLN G 3 -13.45 -2.54 8.03
CA GLN G 3 -12.01 -2.36 8.17
C GLN G 3 -11.47 -3.42 9.14
N GLY G 4 -10.19 -3.75 8.98
CA GLY G 4 -9.57 -4.70 9.88
C GLY G 4 -9.83 -6.16 9.57
N VAL G 5 -10.41 -6.48 8.43
CA VAL G 5 -10.65 -7.86 8.00
C VAL G 5 -9.75 -8.19 6.83
N PHE G 6 -9.12 -9.37 6.89
CA PHE G 6 -8.15 -9.78 5.89
C PHE G 6 -8.31 -11.25 5.58
N THR G 7 -8.18 -11.61 4.30
CA THR G 7 -8.22 -12.99 3.85
C THR G 7 -6.79 -13.44 3.59
N LEU G 8 -6.28 -14.31 4.42
CA LEU G 8 -4.94 -14.87 4.28
C LEU G 8 -5.01 -16.21 3.55
N PRO G 9 -3.87 -16.70 3.03
CA PRO G 9 -3.85 -18.09 2.58
C PRO G 9 -4.17 -19.01 3.74
N ALA G 10 -4.78 -20.15 3.43
CA ALA G 10 -5.13 -21.11 4.47
C ALA G 10 -3.88 -21.68 5.12
N ASN G 11 -4.03 -22.07 6.39
CA ASN G 11 -3.05 -22.85 7.12
C ASN G 11 -1.65 -22.25 7.02
N THR G 12 -1.57 -20.94 7.24
CA THR G 12 -0.34 -20.18 7.05
C THR G 12 0.02 -19.49 8.36
N ARG G 13 1.27 -19.65 8.78
CA ARG G 13 1.73 -18.93 9.95
C ARG G 13 1.89 -17.45 9.60
N PHE G 14 1.43 -16.58 10.50
CA PHE G 14 1.58 -15.15 10.30
C PHE G 14 1.95 -14.52 11.63
N GLY G 15 2.61 -13.37 11.56
CA GLY G 15 2.96 -12.60 12.73
C GLY G 15 1.95 -11.47 12.90
N VAL G 16 1.63 -11.18 14.16
CA VAL G 16 0.82 -10.02 14.52
C VAL G 16 1.54 -9.28 15.64
N THR G 17 1.74 -7.98 15.45
CA THR G 17 2.42 -7.12 16.40
C THR G 17 1.61 -5.85 16.59
N ALA G 18 1.52 -5.38 17.84
CA ALA G 18 0.68 -4.22 18.16
C ALA G 18 1.48 -3.18 18.95
N PHE G 19 1.32 -1.91 18.57
CA PHE G 19 1.95 -0.77 19.22
C PHE G 19 0.90 0.16 19.81
N ALA G 20 1.25 0.86 20.89
CA ALA G 20 0.34 1.81 21.53
C ALA G 20 0.86 3.23 21.43
N ASN G 21 -0.03 4.17 21.15
CA ASN G 21 0.27 5.61 21.10
C ASN G 21 -0.94 6.41 21.58
N SER G 22 -1.30 6.26 22.86
CA SER G 22 -2.43 6.98 23.43
C SER G 22 -2.38 6.89 24.95
N SER G 23 -3.11 7.80 25.61
CA SER G 23 -3.21 7.75 27.06
C SER G 23 -4.14 6.66 27.55
N GLY G 24 -5.00 6.12 26.67
CA GLY G 24 -5.91 5.07 27.07
C GLY G 24 -5.29 3.69 26.86
N THR G 25 -5.58 2.78 27.78
CA THR G 25 -5.09 1.41 27.65
C THR G 25 -5.77 0.74 26.46
N GLN G 26 -4.96 0.21 25.54
CA GLN G 26 -5.47 -0.42 24.34
C GLN G 26 -5.68 -1.91 24.55
N THR G 27 -6.82 -2.42 24.07
CA THR G 27 -7.09 -3.85 24.03
C THR G 27 -7.22 -4.27 22.57
N VAL G 28 -6.29 -5.09 22.09
CA VAL G 28 -6.28 -5.54 20.70
C VAL G 28 -6.66 -7.00 20.66
N ASN G 29 -7.74 -7.31 19.93
CA ASN G 29 -8.23 -8.68 19.78
C ASN G 29 -8.02 -9.16 18.36
N VAL G 30 -7.42 -10.33 18.22
CA VAL G 30 -7.23 -10.95 16.91
C VAL G 30 -8.07 -12.21 16.87
N LEU G 31 -8.90 -12.33 15.84
CA LEU G 31 -9.74 -13.50 15.65
C LEU G 31 -9.36 -14.19 14.35
N VAL G 32 -9.44 -15.52 14.37
CA VAL G 32 -9.23 -16.34 13.18
C VAL G 32 -10.45 -17.24 13.03
N ASN G 33 -11.10 -17.18 11.87
CA ASN G 33 -12.36 -17.88 11.64
C ASN G 33 -13.36 -17.54 12.75
N ASN G 34 -13.45 -16.25 13.06
CA ASN G 34 -14.39 -15.70 14.04
C ASN G 34 -14.15 -16.18 15.47
N GLU G 35 -13.05 -16.87 15.73
CA GLU G 35 -12.71 -17.31 17.07
C GLU G 35 -11.46 -16.57 17.53
N THR G 36 -11.45 -16.15 18.79
CA THR G 36 -10.30 -15.47 19.36
C THR G 36 -9.02 -16.26 19.15
N ALA G 37 -7.98 -15.57 18.68
CA ALA G 37 -6.66 -16.19 18.54
C ALA G 37 -5.54 -15.41 19.21
N ALA G 38 -5.79 -14.20 19.68
CA ALA G 38 -4.80 -13.41 20.41
C ALA G 38 -5.49 -12.22 21.05
N THR G 39 -4.95 -11.77 22.17
CA THR G 39 -5.42 -10.59 22.89
C THR G 39 -4.22 -9.89 23.49
N PHE G 40 -3.97 -8.66 23.05
CA PHE G 40 -2.92 -7.82 23.62
C PHE G 40 -3.52 -6.65 24.38
N SER G 41 -2.86 -6.26 25.46
CA SER G 41 -3.28 -5.13 26.27
C SER G 41 -2.06 -4.36 26.76
N GLY G 42 -2.15 -3.03 26.72
CA GLY G 42 -1.06 -2.19 27.18
C GLY G 42 -1.36 -0.73 26.94
N GLN G 43 -0.54 0.12 27.55
CA GLN G 43 -0.65 1.56 27.40
C GLN G 43 0.73 2.16 27.18
N SER G 44 0.84 3.03 26.16
CA SER G 44 2.05 3.77 25.90
C SER G 44 1.73 4.96 25.01
N THR G 45 2.52 6.01 25.15
CA THR G 45 2.56 7.11 24.19
C THR G 45 3.90 7.16 23.46
N ASN G 46 4.63 6.05 23.46
CA ASN G 46 5.96 6.00 22.85
C ASN G 46 6.08 4.81 21.92
N ASN G 47 4.98 4.39 21.31
CA ASN G 47 4.96 3.33 20.31
C ASN G 47 5.45 2.00 20.88
N ALA G 48 5.38 1.84 22.20
CA ALA G 48 5.83 0.59 22.81
C ALA G 48 5.06 -0.60 22.27
N VAL G 49 5.78 -1.69 22.03
CA VAL G 49 5.15 -2.95 21.64
C VAL G 49 4.35 -3.49 22.82
N ILE G 50 3.04 -3.63 22.64
CA ILE G 50 2.19 -4.19 23.69
C ILE G 50 1.86 -5.65 23.44
N GLY G 51 2.23 -6.19 22.28
CA GLY G 51 2.01 -7.59 22.00
C GLY G 51 2.62 -8.03 20.69
N THR G 52 3.17 -9.24 20.66
CA THR G 52 3.63 -9.85 19.43
C THR G 52 3.49 -11.36 19.56
N GLN G 53 2.90 -11.98 18.54
CA GLN G 53 2.55 -13.38 18.63
C GLN G 53 2.55 -13.98 17.23
N VAL G 54 2.83 -15.28 17.15
CA VAL G 54 2.71 -16.05 15.91
C VAL G 54 1.41 -16.84 15.96
N LEU G 55 0.55 -16.62 14.98
CA LEU G 55 -0.72 -17.31 14.89
C LEU G 55 -0.75 -18.15 13.61
N ASN G 56 -1.88 -18.82 13.40
CA ASN G 56 -2.09 -19.66 12.23
C ASN G 56 -3.42 -19.28 11.60
N SER G 57 -3.44 -19.11 10.28
CA SER G 57 -4.66 -18.65 9.62
C SER G 57 -5.72 -19.75 9.50
N GLY G 58 -5.33 -21.02 9.69
CA GLY G 58 -6.31 -22.11 9.72
C GLY G 58 -6.99 -22.37 8.38
N SER G 59 -8.08 -23.14 8.47
CA SER G 59 -8.77 -23.60 7.26
C SER G 59 -9.45 -22.46 6.51
N SER G 60 -9.88 -21.41 7.21
CA SER G 60 -10.62 -20.34 6.54
C SER G 60 -9.74 -19.21 6.03
N GLY G 61 -8.61 -18.96 6.67
CA GLY G 61 -7.81 -17.80 6.34
C GLY G 61 -8.41 -16.46 6.74
N LYS G 62 -9.53 -16.45 7.48
CA LYS G 62 -10.16 -15.20 7.85
C LYS G 62 -9.52 -14.67 9.13
N VAL G 63 -8.95 -13.47 9.07
CA VAL G 63 -8.33 -12.81 10.21
C VAL G 63 -8.97 -11.44 10.38
N GLN G 64 -9.38 -11.11 11.61
CA GLN G 64 -9.99 -9.83 11.93
C GLN G 64 -9.32 -9.24 13.16
N VAL G 65 -9.01 -7.95 13.09
CA VAL G 65 -8.41 -7.21 14.20
C VAL G 65 -9.47 -6.28 14.78
N GLN G 66 -9.57 -6.26 16.11
CA GLN G 66 -10.51 -5.40 16.83
C GLN G 66 -9.76 -4.65 17.93
N VAL G 67 -9.98 -3.34 18.00
CA VAL G 67 -9.34 -2.49 19.01
C VAL G 67 -10.43 -1.89 19.88
N SER G 68 -10.23 -1.90 21.19
CA SER G 68 -11.17 -1.24 22.08
C SER G 68 -10.40 -0.64 23.25
N VAL G 69 -10.99 0.42 23.83
CA VAL G 69 -10.40 1.14 24.96
C VAL G 69 -11.45 1.25 26.04
N ASN G 70 -11.19 0.63 27.19
CA ASN G 70 -12.10 0.64 28.34
C ASN G 70 -13.48 0.07 27.99
N GLY G 71 -13.53 -0.79 26.97
CA GLY G 71 -14.77 -1.40 26.54
C GLY G 71 -15.39 -0.78 25.29
N ARG G 72 -14.84 0.35 24.78
CA ARG G 72 -15.47 1.02 23.65
C ARG G 72 -14.67 0.74 22.38
N PRO G 73 -15.32 0.27 21.32
CA PRO G 73 -14.58 -0.04 20.08
C PRO G 73 -14.01 1.22 19.45
N SER G 74 -12.77 1.13 19.01
CA SER G 74 -12.16 2.23 18.29
C SER G 74 -12.58 2.19 16.82
N ASP G 75 -12.48 3.33 16.17
CA ASP G 75 -12.64 3.37 14.71
C ASP G 75 -11.36 2.90 14.05
N LEU G 76 -11.51 2.08 13.01
CA LEU G 76 -10.37 1.44 12.37
C LEU G 76 -10.14 1.99 10.96
N VAL G 77 -8.87 1.97 10.54
CA VAL G 77 -8.46 2.08 9.16
C VAL G 77 -7.56 0.89 8.85
N SER G 78 -7.63 0.39 7.63
CA SER G 78 -6.85 -0.80 7.31
C SER G 78 -6.63 -0.91 5.81
N ALA G 79 -5.61 -1.69 5.45
CA ALA G 79 -5.32 -2.04 4.07
C ALA G 79 -4.29 -3.16 4.08
N GLN G 80 -4.17 -3.83 2.93
CA GLN G 80 -3.15 -4.86 2.76
C GLN G 80 -2.23 -4.48 1.60
N VAL G 81 -0.93 -4.66 1.81
CA VAL G 81 0.10 -4.35 0.82
C VAL G 81 0.90 -5.60 0.54
N ILE G 82 1.20 -5.85 -0.73
CA ILE G 82 1.99 -7.00 -1.17
C ILE G 82 3.18 -6.50 -1.97
N LEU G 83 4.39 -6.84 -1.53
CA LEU G 83 5.63 -6.48 -2.20
C LEU G 83 6.19 -7.70 -2.93
N THR G 84 6.75 -7.46 -4.14
CA THR G 84 7.26 -8.46 -5.07
C THR G 84 6.43 -9.73 -5.05
N ASN G 85 5.11 -9.55 -4.95
CA ASN G 85 4.13 -10.62 -5.10
C ASN G 85 4.30 -11.73 -4.06
N GLU G 86 4.98 -11.46 -2.94
CA GLU G 86 5.34 -12.51 -2.00
C GLU G 86 5.18 -12.10 -0.54
N LEU G 87 5.54 -10.85 -0.24
CA LEU G 87 5.64 -10.38 1.13
C LEU G 87 4.41 -9.56 1.47
N ASN G 88 3.65 -10.00 2.46
CA ASN G 88 2.33 -9.45 2.75
C ASN G 88 2.33 -8.67 4.05
N PHE G 89 1.74 -7.47 4.02
CA PHE G 89 1.52 -6.66 5.20
C PHE G 89 0.03 -6.37 5.28
N ALA G 90 -0.59 -6.73 6.40
CA ALA G 90 -1.94 -6.28 6.72
C ALA G 90 -1.83 -5.26 7.84
N LEU G 91 -2.28 -4.04 7.57
CA LEU G 91 -2.05 -2.86 8.42
C LEU G 91 -3.35 -2.38 9.02
N VAL G 92 -3.35 -2.10 10.32
CA VAL G 92 -4.50 -1.53 11.02
C VAL G 92 -4.06 -0.34 11.84
N GLY G 93 -4.81 0.76 11.75
CA GLY G 93 -4.71 1.85 12.70
C GLY G 93 -6.05 2.02 13.38
N SER G 94 -6.06 2.69 14.54
CA SER G 94 -7.28 2.80 15.31
C SER G 94 -7.28 4.14 16.03
N GLU G 95 -8.49 4.66 16.26
CA GLU G 95 -8.68 5.98 16.84
C GLU G 95 -9.67 5.87 17.98
N ASP G 96 -9.23 6.22 19.20
CA ASP G 96 -10.06 6.11 20.39
C ASP G 96 -10.61 7.45 20.85
N GLY G 97 -10.32 8.54 20.14
CA GLY G 97 -10.61 9.89 20.62
C GLY G 97 -10.93 10.84 19.48
N THR G 98 -10.49 12.09 19.63
CA THR G 98 -10.92 13.17 18.74
C THR G 98 -9.84 13.70 17.81
N ASP G 99 -8.57 13.39 18.03
CA ASP G 99 -7.55 14.00 17.20
C ASP G 99 -7.35 13.32 15.85
N ASN G 100 -7.93 12.15 15.64
CA ASN G 100 -7.82 11.44 14.36
C ASN G 100 -6.36 11.23 13.94
N ASP G 101 -5.49 10.90 14.89
CA ASP G 101 -4.16 10.46 14.48
C ASP G 101 -4.13 8.97 14.12
N TYR G 102 -5.15 8.22 14.55
CA TYR G 102 -5.35 6.82 14.18
C TYR G 102 -4.12 5.96 14.47
N ASN G 103 -3.33 6.35 15.48
CA ASN G 103 -2.17 5.58 15.90
C ASN G 103 -2.31 5.00 17.30
N ASP G 104 -3.47 5.18 17.93
CA ASP G 104 -3.62 4.81 19.34
C ASP G 104 -3.30 3.35 19.57
N ALA G 105 -3.77 2.49 18.67
CA ALA G 105 -3.25 1.13 18.55
C ALA G 105 -2.98 0.91 17.08
N VAL G 106 -1.73 0.54 16.78
CA VAL G 106 -1.29 0.21 15.42
C VAL G 106 -0.97 -1.27 15.41
N VAL G 107 -1.58 -1.99 14.47
CA VAL G 107 -1.43 -3.45 14.39
C VAL G 107 -0.85 -3.78 13.03
N VAL G 108 0.22 -4.59 13.04
CA VAL G 108 0.89 -5.00 11.82
C VAL G 108 0.86 -6.51 11.76
N ILE G 109 0.28 -7.04 10.68
CA ILE G 109 0.25 -8.46 10.40
C ILE G 109 1.15 -8.69 9.20
N ASN G 110 2.05 -9.66 9.31
CA ASN G 110 2.96 -9.98 8.21
C ASN G 110 3.04 -11.47 8.02
N TRP G 111 3.10 -11.89 6.75
CA TRP G 111 3.36 -13.28 6.38
C TRP G 111 4.00 -13.28 5.00
N PRO G 112 4.65 -14.39 4.60
CA PRO G 112 4.95 -15.63 5.32
C PRO G 112 6.05 -15.45 6.35
N LEU G 113 6.20 -16.42 7.25
CA LEU G 113 7.24 -16.42 8.26
C LEU G 113 8.29 -17.48 7.93
N GLY G 114 9.37 -17.46 8.70
CA GLY G 114 10.37 -18.51 8.65
C GLY G 114 11.42 -18.40 7.56
N DLY H 1 -7.66 10.67 25.75
CA DLY H 1 -7.88 10.86 27.17
C DLY H 1 -8.15 12.33 27.48
O DLY H 1 -7.62 12.88 28.43
CB DLY H 1 -9.06 9.99 27.62
CG DLY H 1 -9.08 9.61 29.11
CD DLY H 1 -9.93 10.59 29.93
CE DLY H 1 -10.43 9.96 31.23
NZ DLY H 1 -11.49 8.94 31.01
N DTY H 2 -8.96 12.97 26.64
CA DTY H 2 -9.37 14.35 26.89
C DTY H 2 -8.68 15.35 25.97
O DTY H 2 -9.07 16.51 25.93
CB DTY H 2 -10.89 14.49 26.80
CG DTY H 2 -11.65 13.55 27.71
CD1 DTY H 2 -11.80 13.83 29.07
CD2 DTY H 2 -12.22 12.38 27.22
CE1 DTY H 2 -12.50 12.98 29.90
CE2 DTY H 2 -12.93 11.52 28.05
CZ DTY H 2 -13.05 11.82 29.39
OH DTY H 2 -13.74 10.95 30.20
N DLY H 3 -7.66 14.92 25.24
CA DLY H 3 -6.98 15.81 24.30
C DLY H 3 -6.41 17.05 25.00
O DLY H 3 -6.64 18.18 24.53
CB DLY H 3 -5.88 15.06 23.53
CG DLY H 3 -5.39 15.80 22.28
CD DLY H 3 -4.36 15.00 21.50
CE DLY H 3 -3.81 15.82 20.34
NZ DLY H 3 -3.07 14.95 19.35
N DLY H 4 -5.70 16.86 26.10
CA DLY H 4 -5.17 17.99 26.87
C DLY H 4 -6.31 18.82 27.45
O DLY H 4 -6.22 20.06 27.49
CB DLY H 4 -4.24 17.52 27.99
CG DLY H 4 -2.82 17.22 27.55
CD DLY H 4 -1.93 16.93 28.76
N DAL H 5 -7.36 18.16 27.90
CA DAL H 5 -8.50 18.86 28.47
CB DAL H 5 -9.51 17.88 29.07
C DAL H 5 -9.18 19.77 27.44
O DAL H 5 -9.44 20.95 27.72
N DLE H 6 -9.45 19.24 26.25
CA DLE H 6 -10.04 20.03 25.17
CB DLE H 6 -10.22 19.17 23.93
CG DLE H 6 -11.23 18.02 24.05
CD1 DLE H 6 -12.61 18.58 24.30
CD2 DLE H 6 -11.20 17.18 22.80
C DLE H 6 -9.14 21.22 24.83
O DLE H 6 -9.62 22.34 24.66
N DLY H 7 -7.84 20.95 24.75
CA DLY H 7 -6.85 21.97 24.43
C DLY H 7 -6.92 23.08 25.48
O DLY H 7 -6.85 24.26 25.14
CB DLY H 7 -5.45 21.35 24.41
CG DLY H 7 -4.55 21.89 23.31
N DLY H 8 -7.06 22.69 26.75
CA DLY H 8 -7.21 23.65 27.83
C DLY H 8 -8.45 24.51 27.62
O DLY H 8 -8.37 25.73 27.61
CB DLY H 8 -7.30 22.93 29.18
CG DLY H 8 -7.69 23.83 30.34
N DLE H 9 -9.59 23.85 27.46
CA DLE H 9 -10.87 24.52 27.30
CB DLE H 9 -12.01 23.50 27.18
CG DLE H 9 -12.33 22.70 28.45
CD1 DLE H 9 -12.89 23.60 29.54
CD2 DLE H 9 -13.31 21.59 28.14
C DLE H 9 -10.88 25.45 26.09
O DLE H 9 -11.45 26.55 26.15
N DAL H 10 -10.25 25.02 25.00
CA DAL H 10 -10.22 25.79 23.76
CB DAL H 10 -9.52 25.00 22.68
C DAL H 10 -9.54 27.15 23.95
O DAL H 10 -9.95 28.14 23.34
N DLY H 11 -8.50 27.18 24.77
CA DLY H 11 -7.73 28.39 25.02
C DLY H 11 -8.53 29.39 25.83
O DLY H 11 -8.65 30.56 25.46
CB DLY H 11 -6.42 28.05 25.74
CG DLY H 11 -5.61 29.26 26.18
N DLE H 12 -9.08 28.92 26.96
CA DLE H 12 -9.81 29.79 27.87
CB DLE H 12 -9.61 29.33 29.32
CG DLE H 12 -9.74 27.84 29.62
CD1 DLE H 12 -8.99 27.49 30.89
CD2 DLE H 12 -11.21 27.45 29.76
C DLE H 12 -11.29 29.93 27.53
O DLE H 12 -12.07 30.47 28.31
N DLE H 13 -11.68 29.43 26.36
CA DLE H 13 -13.03 29.66 25.86
CB DLE H 13 -13.40 28.63 24.79
CG DLE H 13 -14.88 28.40 24.41
CD1 DLE H 13 -15.47 29.56 23.61
CD2 DLE H 13 -15.00 27.12 23.61
C DLE H 13 -13.07 31.07 25.27
O DLE H 13 -13.80 31.94 25.76
CA CA I . 12.98 -16.35 5.22
CA CA J . 14.86 -15.75 2.16
CA CA K . -2.45 8.84 19.56
C1 ZDC L . 16.09 -20.00 5.73
C1M ZDC L . 15.70 -20.70 7.03
C2 ZDC L . 14.85 -19.28 5.11
C3 ZDC L . 15.29 -18.42 3.95
C4 ZDC L . 16.44 -17.52 4.32
C5 ZDC L . 17.58 -18.46 4.76
C6 ZDC L . 18.49 -19.13 3.79
C7 ZDC L . 19.46 -20.17 4.37
O2 ZDC L . 14.31 -18.42 6.12
O3 ZDC L . 14.16 -17.57 3.59
O4 ZDC L . 16.82 -16.80 3.13
O5 ZDC L . 17.20 -19.08 5.99
O7A ZDC L . 19.06 -21.25 4.72
N NH2 M . 18.56 -35.29 -8.42
CA CA N . -19.99 -2.96 -8.72
CA CA O . -21.28 -2.23 -5.49
CA CA P . 8.95 10.86 -16.71
C1 ZDC Q . -24.36 -3.71 -10.03
C1M ZDC Q . -24.23 -4.04 -11.52
C2 ZDC Q . -23.04 -4.08 -9.33
C3 ZDC Q . -23.07 -3.49 -7.92
C4 ZDC Q . -23.47 -2.04 -7.82
C5 ZDC Q . -24.83 -1.97 -8.48
C6 ZDC Q . -26.12 -2.28 -7.81
C7 ZDC Q . -27.28 -2.05 -8.78
O2 ZDC Q . -22.05 -3.40 -10.10
O3 ZDC Q . -21.77 -3.64 -7.31
O4 ZDC Q . -23.55 -1.68 -6.42
O5 ZDC Q . -24.65 -2.27 -9.87
O7A ZDC Q . -27.27 -1.07 -9.48
CA CA R . 12.09 8.91 -16.16
C1 ZDC S . 11.46 12.99 -20.16
C1M ZDC S . 10.43 13.95 -20.79
C2 ZDC S . 11.05 12.70 -18.69
C3 ZDC S . 11.93 11.59 -18.14
C4 ZDC S . 11.93 10.37 -19.03
C5 ZDC S . 12.50 10.88 -20.33
C6 ZDC S . 13.94 11.13 -20.57
C7 ZDC S . 14.17 11.49 -22.03
O2 ZDC S . 9.71 12.17 -18.75
O3 ZDC S . 11.40 11.20 -16.86
O4 ZDC S . 12.76 9.34 -18.41
O5 ZDC S . 11.53 11.74 -20.92
O7A ZDC S . 13.75 10.77 -22.89
CA CA T . -5.94 9.45 18.70
C1 ZDC U . -3.48 11.04 23.60
C1M ZDC U . -2.28 11.02 24.54
C2 ZDC U . -3.09 10.94 22.10
C3 ZDC U . -4.39 10.86 21.32
C4 ZDC U . -5.25 9.72 21.77
C5 ZDC U . -5.60 10.06 23.20
C6 ZDC U . -6.71 11.00 23.57
C7 ZDC U . -6.77 11.36 25.06
O2 ZDC U . -2.40 9.71 21.83
O3 ZDC U . -4.07 10.61 19.93
O4 ZDC U . -6.43 9.68 20.92
O5 ZDC U . -4.41 9.97 24.00
O7A ZDC U . -6.04 12.22 25.50
N NH2 V . -12.28 31.29 24.23
#